data_8VCD
#
_entry.id   8VCD
#
_cell.length_a   84.340
_cell.length_b   84.340
_cell.length_c   117.440
_cell.angle_alpha   90.00
_cell.angle_beta   90.00
_cell.angle_gamma   90.00
#
_symmetry.space_group_name_H-M   'P 41 21 2'
#
loop_
_entity.id
_entity.type
_entity.pdbx_description
1 polymer 'Carboxylesterase 15'
2 non-polymer GLYCEROL
3 non-polymer (5S)-5-hydroxy-3-methylfuran-2(5H)-one
4 water water
#
_entity_poly.entity_id   1
_entity_poly.type   'polypeptide(L)'
_entity_poly.pdbx_seq_one_letter_code
;MGSLGEEPQVAEDCMGLLQLLSNGTVLRSESIDLITQQIPFKNNQTVLFKDSIYHKPNNLHLRLYKPISASNRTALPVVV
FFHGGGFCFGSRSWPHFHNFCLTLASSLNALVVSPDYRLAPEHRLPAAFEDAEAVLTWLWDQAVSDGVNHWFEDGTDVDF
DRVFVVGDSSGGNIAHQLAVRFGSGSIELTPVRVRGYVLMGPFFGGEERTNSENGPSEALLSLDLLDKFWRLSLPNGATR
DHHMANPFGPTSPTLESISLEPMLVIVGGSELLRDRAKEYAYKLKKMGGKRVDYIEFENKEHGFYSNYPSSEAAEQVLRI
IGDFMNNLS
;
_entity_poly.pdbx_strand_id   A
#
# COMPACT_ATOMS: atom_id res chain seq x y z
N PRO A 8 31.50 16.50 5.95
CA PRO A 8 32.13 15.27 6.46
C PRO A 8 32.03 14.11 5.47
N GLN A 9 33.11 13.34 5.31
CA GLN A 9 33.07 12.19 4.43
C GLN A 9 32.15 11.09 4.94
N VAL A 10 31.80 11.12 6.23
CA VAL A 10 30.82 10.18 6.77
C VAL A 10 29.41 10.48 6.29
N ALA A 11 29.20 11.64 5.66
CA ALA A 11 27.89 11.97 5.12
C ALA A 11 27.65 11.25 3.80
N GLU A 12 28.64 11.24 2.91
CA GLU A 12 28.59 10.37 1.73
C GLU A 12 28.46 8.90 2.13
N ASP A 13 28.56 8.59 3.41
CA ASP A 13 28.54 7.23 3.92
C ASP A 13 27.15 6.82 4.41
N CYS A 14 26.52 7.65 5.25
CA CYS A 14 25.13 7.39 5.61
C CYS A 14 24.24 7.37 4.38
N MET A 15 24.60 8.14 3.35
CA MET A 15 23.91 8.05 2.07
C MET A 15 23.86 6.61 1.59
N GLY A 16 25.01 5.95 1.55
CA GLY A 16 25.08 4.57 1.11
C GLY A 16 24.51 3.57 2.08
N LEU A 17 24.24 3.99 3.32
CA LEU A 17 23.63 3.08 4.28
C LEU A 17 22.15 2.87 3.99
N LEU A 18 21.42 3.97 3.78
CA LEU A 18 20.01 3.83 3.41
C LEU A 18 19.85 3.01 2.14
N GLN A 19 20.70 3.26 1.14
CA GLN A 19 20.59 2.52 -0.11
C GLN A 19 20.77 1.02 0.14
N LEU A 20 21.81 0.64 0.86
CA LEU A 20 22.01 -0.77 1.17
C LEU A 20 20.87 -1.29 2.04
N LEU A 21 20.41 -0.49 3.00
CA LEU A 21 19.43 -0.95 3.97
C LEU A 21 18.13 -1.35 3.29
N SER A 22 17.69 -0.58 2.29
CA SER A 22 16.39 -0.81 1.65
C SER A 22 16.49 -1.49 0.30
N ASN A 23 17.69 -1.88 -0.14
CA ASN A 23 17.85 -2.42 -1.49
C ASN A 23 17.12 -3.74 -1.66
N GLY A 24 17.11 -4.56 -0.61
CA GLY A 24 16.38 -5.82 -0.67
C GLY A 24 17.05 -6.84 -1.57
N THR A 25 16.69 -8.11 -1.38
CA THR A 25 17.22 -9.21 -2.16
C THR A 25 16.13 -9.81 -3.03
N VAL A 26 16.57 -10.57 -4.04
CA VAL A 26 15.67 -11.19 -5.02
C VAL A 26 15.76 -12.69 -4.86
N LEU A 27 14.60 -13.33 -4.71
CA LEU A 27 14.58 -14.79 -4.61
C LEU A 27 14.90 -15.42 -5.96
N ARG A 28 15.70 -16.48 -5.93
CA ARG A 28 16.01 -17.20 -7.16
C ARG A 28 14.78 -17.94 -7.67
N SER A 29 14.30 -18.91 -6.92
CA SER A 29 13.15 -19.71 -7.30
C SER A 29 12.00 -19.46 -6.32
N GLU A 30 10.84 -20.05 -6.64
CA GLU A 30 9.69 -19.87 -5.79
C GLU A 30 9.93 -20.54 -4.44
N SER A 31 9.26 -20.01 -3.42
CA SER A 31 9.40 -20.48 -2.05
C SER A 31 8.02 -20.63 -1.42
N ILE A 32 7.98 -21.32 -0.29
CA ILE A 32 6.75 -21.57 0.43
C ILE A 32 6.98 -21.24 1.90
N ASP A 33 5.91 -20.90 2.60
CA ASP A 33 6.01 -20.67 4.04
C ASP A 33 4.71 -21.09 4.71
N LEU A 34 4.81 -21.46 5.98
CA LEU A 34 3.67 -21.83 6.80
C LEU A 34 3.23 -20.64 7.64
N ILE A 35 1.95 -20.31 7.55
CA ILE A 35 1.39 -19.14 8.24
C ILE A 35 0.25 -19.62 9.12
N THR A 36 0.22 -19.15 10.36
CA THR A 36 -0.80 -19.54 11.32
C THR A 36 -2.11 -18.80 11.07
N GLN A 37 -3.22 -19.51 11.12
CA GLN A 37 -4.52 -18.94 10.85
C GLN A 37 -5.11 -18.29 12.11
N GLN A 38 -6.21 -17.58 11.91
CA GLN A 38 -6.94 -16.96 13.01
C GLN A 38 -7.47 -18.03 13.95
N ILE A 39 -6.85 -18.16 15.13
CA ILE A 39 -7.23 -19.18 16.10
C ILE A 39 -6.89 -20.57 15.54
N PHE A 41 -1.75 -26.40 19.17
CA PHE A 41 -2.61 -26.87 18.08
C PHE A 41 -3.03 -25.73 17.16
N LYS A 42 -2.05 -25.04 16.60
CA LYS A 42 -2.32 -23.87 15.77
C LYS A 42 -2.75 -24.29 14.37
N ASN A 43 -3.85 -23.70 13.89
CA ASN A 43 -4.25 -23.89 12.51
C ASN A 43 -3.32 -23.10 11.58
N ASN A 44 -2.85 -23.75 10.52
CA ASN A 44 -1.86 -23.16 9.64
C ASN A 44 -2.31 -23.33 8.18
N GLN A 45 -1.43 -22.91 7.28
CA GLN A 45 -1.71 -22.81 5.85
C GLN A 45 -0.42 -22.44 5.14
N THR A 46 -0.26 -22.91 3.90
CA THR A 46 0.93 -22.61 3.13
C THR A 46 0.66 -21.51 2.12
N VAL A 47 1.70 -20.71 1.87
CA VAL A 47 1.62 -19.60 0.91
C VAL A 47 2.84 -19.69 0.01
N LEU A 48 2.60 -19.73 -1.29
CA LEU A 48 3.67 -19.74 -2.29
C LEU A 48 3.99 -18.31 -2.71
N PHE A 49 5.28 -18.02 -2.87
CA PHE A 49 5.68 -16.67 -3.26
C PHE A 49 6.96 -16.72 -4.06
N LYS A 50 7.15 -15.68 -4.87
CA LYS A 50 8.37 -15.54 -5.67
C LYS A 50 8.47 -14.12 -6.15
N ASP A 51 9.69 -13.72 -6.50
CA ASP A 51 9.96 -12.38 -6.98
C ASP A 51 9.95 -12.35 -8.50
N SER A 52 9.55 -11.22 -9.05
CA SER A 52 9.60 -11.00 -10.48
C SER A 52 9.97 -9.56 -10.74
N ILE A 53 10.72 -9.33 -11.81
CA ILE A 53 11.01 -7.97 -12.23
C ILE A 53 9.80 -7.44 -13.00
N TYR A 54 9.36 -6.23 -12.65
CA TYR A 54 8.27 -5.60 -13.37
C TYR A 54 8.69 -4.36 -14.15
N HIS A 55 9.91 -3.87 -13.94
CA HIS A 55 10.43 -2.76 -14.74
C HIS A 55 11.93 -3.00 -14.92
N LYS A 56 12.31 -3.49 -16.11
CA LYS A 56 13.70 -3.84 -16.34
C LYS A 56 14.63 -2.63 -16.21
N PRO A 57 14.38 -1.49 -16.86
CA PRO A 57 15.33 -0.36 -16.76
C PRO A 57 15.69 0.04 -15.33
N ASN A 58 14.70 0.15 -14.44
CA ASN A 58 14.97 0.53 -13.06
C ASN A 58 15.30 -0.66 -12.17
N ASN A 59 15.31 -1.88 -12.70
CA ASN A 59 15.57 -3.08 -11.92
C ASN A 59 14.62 -3.20 -10.74
N LEU A 60 13.34 -2.86 -10.97
CA LEU A 60 12.33 -2.86 -9.93
C LEU A 60 11.62 -4.21 -9.89
N HIS A 61 11.56 -4.82 -8.71
CA HIS A 61 10.96 -6.13 -8.51
C HIS A 61 9.68 -6.02 -7.69
N LEU A 62 8.84 -7.04 -7.82
CA LEU A 62 7.68 -7.23 -6.99
C LEU A 62 7.60 -8.70 -6.58
N ARG A 63 6.89 -8.97 -5.48
CA ARG A 63 6.72 -10.32 -4.98
C ARG A 63 5.28 -10.77 -5.16
N LEU A 64 5.10 -11.96 -5.73
CA LEU A 64 3.79 -12.57 -5.89
C LEU A 64 3.56 -13.60 -4.78
N TYR A 65 2.39 -13.54 -4.15
CA TYR A 65 2.00 -14.48 -3.10
C TYR A 65 0.71 -15.17 -3.49
N LYS A 66 0.69 -16.50 -3.36
CA LYS A 66 -0.48 -17.30 -3.70
C LYS A 66 -0.78 -18.24 -2.54
N PRO A 67 -1.93 -18.10 -1.87
CA PRO A 67 -2.32 -19.09 -0.85
C PRO A 67 -2.71 -20.39 -1.55
N ILE A 68 -2.02 -21.47 -1.22
CA ILE A 68 -2.14 -22.70 -1.99
C ILE A 68 -3.52 -23.32 -1.82
N SER A 69 -4.06 -23.34 -0.60
CA SER A 69 -5.37 -23.91 -0.38
C SER A 69 -6.44 -23.21 -1.22
N ALA A 70 -6.51 -21.88 -1.12
CA ALA A 70 -7.56 -21.13 -1.81
C ALA A 70 -7.39 -21.18 -3.33
N SER A 71 -6.15 -21.26 -3.81
CA SER A 71 -5.92 -21.24 -5.26
C SER A 71 -6.46 -22.51 -5.92
N ASN A 72 -6.56 -23.59 -5.17
CA ASN A 72 -7.07 -24.86 -5.68
C ASN A 72 -8.59 -24.99 -5.53
N ARG A 73 -9.28 -23.91 -5.15
CA ARG A 73 -10.72 -23.95 -4.95
C ARG A 73 -11.49 -22.94 -5.80
N THR A 74 -10.85 -21.85 -6.21
CA THR A 74 -11.56 -20.81 -6.96
C THR A 74 -10.53 -19.86 -7.56
N ALA A 75 -10.99 -19.03 -8.49
CA ALA A 75 -10.16 -17.97 -9.02
C ALA A 75 -9.89 -16.94 -7.94
N LEU A 76 -8.63 -16.53 -7.82
CA LEU A 76 -8.32 -15.65 -6.69
C LEU A 76 -8.50 -14.18 -7.07
N PRO A 77 -9.00 -13.37 -6.15
CA PRO A 77 -8.90 -11.92 -6.31
C PRO A 77 -7.47 -11.46 -6.11
N VAL A 78 -7.17 -10.28 -6.65
CA VAL A 78 -5.82 -9.72 -6.59
C VAL A 78 -5.80 -8.59 -5.58
N VAL A 79 -4.79 -8.60 -4.71
CA VAL A 79 -4.53 -7.51 -3.78
C VAL A 79 -3.14 -6.97 -4.08
N VAL A 80 -3.07 -5.69 -4.43
CA VAL A 80 -1.80 -5.02 -4.69
C VAL A 80 -1.45 -4.22 -3.44
N PHE A 81 -0.41 -4.64 -2.73
CA PHE A 81 -0.02 -4.03 -1.47
C PHE A 81 1.19 -3.12 -1.67
N PHE A 82 1.06 -1.87 -1.25
CA PHE A 82 2.14 -0.90 -1.31
C PHE A 82 2.64 -0.66 0.12
N HIS A 83 3.89 -1.05 0.37
CA HIS A 83 4.47 -0.92 1.70
C HIS A 83 4.65 0.56 2.07
N GLY A 84 4.84 0.80 3.37
CA GLY A 84 5.16 2.11 3.88
C GLY A 84 6.65 2.38 3.90
N GLY A 85 7.04 3.37 4.69
CA GLY A 85 8.44 3.74 4.78
C GLY A 85 8.71 5.20 4.50
N GLY A 86 7.66 6.02 4.51
CA GLY A 86 7.80 7.46 4.36
C GLY A 86 8.38 7.90 3.03
N PHE A 87 8.26 7.08 2.00
CA PHE A 87 8.84 7.31 0.68
C PHE A 87 10.35 7.23 0.69
N CYS A 88 10.97 6.94 1.83
CA CYS A 88 12.43 6.88 1.93
C CYS A 88 12.98 5.53 2.36
N PHE A 89 12.16 4.64 2.90
CA PHE A 89 12.61 3.34 3.40
C PHE A 89 11.73 2.23 2.85
N GLY A 90 12.31 1.03 2.81
CA GLY A 90 11.51 -0.18 2.67
C GLY A 90 11.80 -1.04 1.46
N SER A 91 11.58 -2.34 1.59
CA SER A 91 11.66 -3.26 0.47
C SER A 91 10.64 -4.36 0.67
N ARG A 92 10.14 -4.90 -0.46
CA ARG A 92 9.16 -5.97 -0.38
C ARG A 92 9.71 -7.19 0.36
N SER A 93 11.03 -7.37 0.36
CA SER A 93 11.68 -8.49 1.02
C SER A 93 11.93 -8.27 2.51
N TRP A 94 11.70 -7.05 3.01
CA TRP A 94 11.85 -6.82 4.45
C TRP A 94 10.91 -7.74 5.22
N PRO A 95 11.42 -8.51 6.19
CA PRO A 95 10.53 -9.41 6.94
C PRO A 95 9.26 -8.72 7.43
N HIS A 96 9.37 -7.46 7.87
CA HIS A 96 8.17 -6.76 8.34
C HIS A 96 7.08 -6.75 7.28
N PHE A 97 7.44 -6.47 6.02
CA PHE A 97 6.43 -6.41 4.96
C PHE A 97 6.10 -7.79 4.40
N HIS A 98 7.11 -8.65 4.27
CA HIS A 98 6.89 -10.01 3.80
C HIS A 98 5.90 -10.75 4.70
N ASN A 99 6.03 -10.56 6.01
CA ASN A 99 5.12 -11.22 6.95
C ASN A 99 3.70 -10.72 6.79
N PHE A 100 3.54 -9.39 6.67
CA PHE A 100 2.20 -8.84 6.46
C PHE A 100 1.57 -9.39 5.18
N CYS A 101 2.36 -9.50 4.10
CA CYS A 101 1.81 -10.01 2.85
C CYS A 101 1.43 -11.48 2.97
N LEU A 102 2.21 -12.27 3.70
CA LEU A 102 1.84 -13.66 3.95
C LEU A 102 0.49 -13.72 4.67
N THR A 103 0.31 -12.87 5.69
CA THR A 103 -0.96 -12.81 6.39
C THR A 103 -2.07 -12.33 5.46
N LEU A 104 -1.78 -11.35 4.61
CA LEU A 104 -2.79 -10.87 3.67
C LEU A 104 -3.26 -11.99 2.75
N ALA A 105 -2.33 -12.65 2.06
CA ALA A 105 -2.71 -13.71 1.14
C ALA A 105 -3.54 -14.78 1.84
N SER A 106 -3.07 -15.22 3.00
CA SER A 106 -3.71 -16.35 3.67
C SER A 106 -5.09 -15.97 4.24
N SER A 107 -5.17 -14.84 4.94
CA SER A 107 -6.44 -14.46 5.55
C SER A 107 -7.46 -14.01 4.52
N LEU A 108 -7.00 -13.33 3.47
CA LEU A 108 -7.91 -12.83 2.44
C LEU A 108 -8.15 -13.83 1.32
N ASN A 109 -7.41 -14.93 1.29
CA ASN A 109 -7.47 -15.90 0.20
C ASN A 109 -7.36 -15.19 -1.15
N ALA A 110 -6.28 -14.44 -1.31
CA ALA A 110 -6.08 -13.60 -2.47
C ALA A 110 -4.63 -13.69 -2.94
N LEU A 111 -4.44 -13.50 -4.24
CA LEU A 111 -3.10 -13.37 -4.78
C LEU A 111 -2.60 -11.96 -4.47
N VAL A 112 -1.47 -11.86 -3.78
CA VAL A 112 -0.95 -10.56 -3.34
C VAL A 112 0.23 -10.19 -4.22
N VAL A 113 0.24 -8.93 -4.66
CA VAL A 113 1.33 -8.35 -5.42
C VAL A 113 1.95 -7.27 -4.55
N SER A 114 3.24 -7.44 -4.22
CA SER A 114 3.95 -6.53 -3.30
C SER A 114 5.15 -5.96 -4.05
N PRO A 115 5.02 -4.79 -4.67
CA PRO A 115 6.13 -4.23 -5.44
C PRO A 115 7.02 -3.31 -4.63
N ASP A 116 8.29 -3.27 -5.03
CA ASP A 116 9.17 -2.19 -4.62
C ASP A 116 8.88 -0.95 -5.46
N TYR A 117 9.24 0.21 -4.91
CA TYR A 117 9.22 1.44 -5.68
C TYR A 117 10.43 2.28 -5.29
N ARG A 118 10.86 3.14 -6.21
CA ARG A 118 12.04 3.95 -5.99
C ARG A 118 11.85 4.83 -4.75
N LEU A 119 12.93 5.02 -3.99
CA LEU A 119 12.87 5.71 -2.72
C LEU A 119 13.58 7.06 -2.80
N ALA A 120 13.09 8.01 -1.99
CA ALA A 120 13.73 9.31 -1.85
C ALA A 120 14.87 9.24 -0.84
N PRO A 121 15.75 10.24 -0.82
CA PRO A 121 15.71 11.42 -1.69
C PRO A 121 16.39 11.21 -3.04
N GLU A 122 16.97 10.03 -3.25
CA GLU A 122 17.59 9.76 -4.55
C GLU A 122 16.57 9.88 -5.68
N HIS A 123 15.37 9.35 -5.48
CA HIS A 123 14.27 9.44 -6.45
C HIS A 123 13.10 10.11 -5.75
N ARG A 124 13.04 11.43 -5.85
CA ARG A 124 11.97 12.17 -5.18
C ARG A 124 10.64 11.92 -5.87
N LEU A 125 9.56 12.26 -5.16
CA LEU A 125 8.23 12.17 -5.74
C LEU A 125 8.17 13.04 -7.00
N PRO A 126 7.40 12.63 -8.02
CA PRO A 126 6.47 11.51 -7.99
C PRO A 126 7.04 10.20 -8.53
N ALA A 127 8.33 9.94 -8.29
CA ALA A 127 8.92 8.70 -8.77
C ALA A 127 8.11 7.49 -8.31
N ALA A 128 7.66 7.49 -7.05
CA ALA A 128 6.97 6.33 -6.49
C ALA A 128 5.61 6.13 -7.15
N PHE A 129 4.85 7.21 -7.34
CA PHE A 129 3.57 7.12 -8.04
C PHE A 129 3.76 6.58 -9.45
N GLU A 130 4.84 7.02 -10.11
CA GLU A 130 5.14 6.54 -11.45
C GLU A 130 5.40 5.04 -11.44
N ASP A 131 6.07 4.54 -10.41
CA ASP A 131 6.32 3.11 -10.32
C ASP A 131 5.03 2.34 -10.05
N ALA A 132 4.15 2.88 -9.20
CA ALA A 132 2.90 2.21 -8.91
C ALA A 132 2.07 1.99 -10.17
N GLU A 133 2.04 3.00 -11.07
CA GLU A 133 1.33 2.82 -12.33
C GLU A 133 2.01 1.76 -13.19
N ALA A 134 3.35 1.71 -13.17
CA ALA A 134 4.04 0.65 -13.90
C ALA A 134 3.67 -0.72 -13.36
N VAL A 135 3.43 -0.84 -12.06
CA VAL A 135 3.00 -2.11 -11.48
C VAL A 135 1.65 -2.51 -12.06
N LEU A 136 0.69 -1.58 -12.10
CA LEU A 136 -0.62 -1.91 -12.63
C LEU A 136 -0.54 -2.25 -14.11
N THR A 137 0.30 -1.54 -14.86
CA THR A 137 0.49 -1.85 -16.27
C THR A 137 1.12 -3.23 -16.43
N TRP A 138 2.10 -3.57 -15.59
CA TRP A 138 2.66 -4.91 -15.63
C TRP A 138 1.59 -5.96 -15.37
N LEU A 139 0.65 -5.66 -14.45
CA LEU A 139 -0.43 -6.60 -14.18
C LEU A 139 -1.34 -6.74 -15.39
N TRP A 140 -1.68 -5.62 -16.04
CA TRP A 140 -2.45 -5.68 -17.28
C TRP A 140 -1.74 -6.56 -18.31
N ASP A 141 -0.45 -6.28 -18.55
CA ASP A 141 0.28 -7.08 -19.53
C ASP A 141 0.23 -8.57 -19.19
N GLN A 142 0.36 -8.90 -17.91
CA GLN A 142 0.27 -10.31 -17.53
C GLN A 142 -1.14 -10.86 -17.76
N ALA A 143 -2.16 -10.04 -17.53
CA ALA A 143 -3.53 -10.54 -17.63
C ALA A 143 -3.91 -10.87 -19.07
N VAL A 144 -3.43 -10.09 -20.04
CA VAL A 144 -3.85 -10.27 -21.43
C VAL A 144 -2.92 -11.21 -22.20
N SER A 145 -1.85 -11.70 -21.58
CA SER A 145 -0.85 -12.51 -22.28
C SER A 145 -0.70 -13.91 -21.70
N ASP A 146 -1.61 -14.34 -20.85
CA ASP A 146 -1.50 -15.62 -20.14
C ASP A 146 -0.19 -15.74 -19.37
N GLY A 147 0.41 -14.60 -19.01
CA GLY A 147 1.60 -14.62 -18.17
C GLY A 147 1.37 -15.20 -16.79
N VAL A 148 0.13 -15.12 -16.28
CA VAL A 148 -0.18 -15.67 -14.96
C VAL A 148 0.15 -17.15 -14.90
N ASN A 149 -0.05 -17.88 -16.00
CA ASN A 149 0.23 -19.31 -16.01
C ASN A 149 1.70 -19.61 -15.76
N HIS A 150 2.59 -18.66 -16.06
CA HIS A 150 4.01 -18.84 -15.85
C HIS A 150 4.52 -18.19 -14.57
N TRP A 151 3.62 -17.59 -13.78
CA TRP A 151 4.04 -16.97 -12.53
C TRP A 151 4.69 -17.99 -11.61
N PHE A 152 4.00 -19.10 -11.36
CA PHE A 152 4.50 -20.20 -10.55
C PHE A 152 4.64 -21.45 -11.40
N GLU A 153 5.30 -22.46 -10.83
CA GLU A 153 5.56 -23.69 -11.57
C GLU A 153 4.26 -24.28 -12.11
N ASP A 154 3.27 -24.47 -11.23
CA ASP A 154 1.96 -24.95 -11.64
C ASP A 154 1.16 -23.77 -12.21
N GLY A 155 -0.10 -24.03 -12.57
CA GLY A 155 -0.96 -22.96 -13.05
C GLY A 155 -1.60 -22.19 -11.90
N THR A 156 -2.14 -21.02 -12.25
CA THR A 156 -2.78 -20.14 -11.28
C THR A 156 -3.99 -19.48 -11.94
N ASP A 157 -5.15 -19.60 -11.30
CA ASP A 157 -6.36 -18.95 -11.78
C ASP A 157 -6.56 -17.65 -11.00
N VAL A 158 -6.51 -16.53 -11.71
CA VAL A 158 -6.65 -15.21 -11.11
C VAL A 158 -7.84 -14.51 -11.75
N ASP A 159 -8.58 -13.74 -10.95
CA ASP A 159 -9.72 -12.97 -11.44
C ASP A 159 -9.31 -11.50 -11.46
N PHE A 160 -8.85 -11.05 -12.62
CA PHE A 160 -8.42 -9.66 -12.77
C PHE A 160 -9.58 -8.68 -12.74
N ASP A 161 -10.82 -9.17 -12.72
CA ASP A 161 -11.97 -8.29 -12.53
C ASP A 161 -12.18 -7.91 -11.07
N ARG A 162 -11.44 -8.52 -10.14
CA ARG A 162 -11.55 -8.25 -8.71
C ARG A 162 -10.17 -7.90 -8.15
N VAL A 163 -9.67 -6.72 -8.52
CA VAL A 163 -8.39 -6.23 -8.04
C VAL A 163 -8.63 -5.20 -6.95
N PHE A 164 -7.84 -5.26 -5.88
CA PHE A 164 -7.93 -4.30 -4.78
C PHE A 164 -6.54 -3.79 -4.46
N VAL A 165 -6.45 -2.49 -4.14
CA VAL A 165 -5.19 -1.84 -3.77
C VAL A 165 -5.21 -1.58 -2.27
N VAL A 166 -4.19 -2.05 -1.59
CA VAL A 166 -4.04 -1.86 -0.14
C VAL A 166 -2.74 -1.11 0.08
N GLY A 167 -2.85 0.12 0.57
CA GLY A 167 -1.70 0.99 0.75
C GLY A 167 -1.48 1.29 2.23
N ASP A 168 -0.25 1.04 2.67
CA ASP A 168 0.13 1.23 4.06
C ASP A 168 0.99 2.48 4.15
N SER A 169 0.52 3.49 4.87
CA SER A 169 1.35 4.66 5.12
C SER A 169 1.60 5.41 3.81
N SER A 170 2.88 5.64 3.49
CA SER A 170 3.21 6.22 2.19
C SER A 170 2.58 5.41 1.05
N GLY A 171 2.46 4.08 1.23
CA GLY A 171 1.70 3.30 0.27
C GLY A 171 0.23 3.68 0.22
N GLY A 172 -0.32 4.15 1.34
CA GLY A 172 -1.69 4.63 1.32
C GLY A 172 -1.85 5.86 0.45
N ASN A 173 -0.87 6.78 0.52
CA ASN A 173 -0.86 7.92 -0.38
C ASN A 173 -0.80 7.45 -1.83
N ILE A 174 0.13 6.55 -2.12
CA ILE A 174 0.21 5.94 -3.45
C ILE A 174 -1.17 5.45 -3.91
N ALA A 175 -1.87 4.73 -3.02
CA ALA A 175 -3.19 4.22 -3.39
C ALA A 175 -4.13 5.35 -3.76
N HIS A 176 -4.12 6.44 -2.99
CA HIS A 176 -4.96 7.59 -3.33
C HIS A 176 -4.64 8.11 -4.72
N GLN A 177 -3.35 8.25 -5.03
CA GLN A 177 -2.95 8.74 -6.35
C GLN A 177 -3.51 7.84 -7.45
N LEU A 178 -3.37 6.52 -7.29
CA LEU A 178 -3.93 5.60 -8.28
C LEU A 178 -5.44 5.76 -8.37
N ALA A 179 -6.11 5.87 -7.22
CA ALA A 179 -7.56 6.04 -7.24
C ALA A 179 -7.96 7.29 -8.02
N VAL A 180 -7.14 8.34 -7.94
CA VAL A 180 -7.45 9.56 -8.69
C VAL A 180 -7.18 9.35 -10.18
N ARG A 181 -6.07 8.69 -10.52
CA ARG A 181 -5.75 8.47 -11.92
C ARG A 181 -6.79 7.57 -12.59
N PHE A 182 -7.32 6.59 -11.85
CA PHE A 182 -8.35 5.72 -12.40
C PHE A 182 -9.71 6.41 -12.42
N GLY A 183 -10.09 7.01 -11.29
CA GLY A 183 -11.40 7.65 -11.21
C GLY A 183 -11.58 8.77 -12.20
N SER A 184 -10.48 9.44 -12.56
CA SER A 184 -10.53 10.51 -13.54
C SER A 184 -10.56 10.00 -14.98
N GLY A 185 -10.44 8.70 -15.19
CA GLY A 185 -10.37 8.19 -16.55
C GLY A 185 -9.06 8.45 -17.26
N SER A 186 -8.07 9.01 -16.56
CA SER A 186 -6.79 9.29 -17.20
C SER A 186 -6.13 8.01 -17.71
N ILE A 187 -6.32 6.90 -16.98
CA ILE A 187 -5.77 5.62 -17.38
C ILE A 187 -6.85 4.56 -17.20
N GLU A 188 -6.81 3.54 -18.05
CA GLU A 188 -7.81 2.49 -18.07
C GLU A 188 -7.13 1.23 -18.54
N LEU A 189 -7.34 0.12 -17.82
CA LEU A 189 -6.51 -1.08 -18.02
C LEU A 189 -7.36 -2.33 -18.11
N THR A 190 -8.51 -2.25 -18.77
CA THR A 190 -9.30 -3.44 -19.04
C THR A 190 -8.39 -4.57 -19.54
N PRO A 191 -8.57 -5.81 -19.08
CA PRO A 191 -9.63 -6.25 -18.15
C PRO A 191 -9.29 -6.11 -16.67
N VAL A 192 -8.18 -5.44 -16.34
CA VAL A 192 -7.91 -5.16 -14.94
C VAL A 192 -8.93 -4.15 -14.44
N ARG A 193 -9.63 -4.48 -13.36
CA ARG A 193 -10.64 -3.59 -12.77
C ARG A 193 -10.38 -3.48 -11.28
N VAL A 194 -10.01 -2.28 -10.84
CA VAL A 194 -9.73 -2.00 -9.43
C VAL A 194 -11.04 -1.63 -8.75
N ARG A 195 -11.56 -2.53 -7.93
CA ARG A 195 -12.88 -2.34 -7.34
C ARG A 195 -12.89 -1.51 -6.06
N GLY A 196 -11.73 -1.29 -5.44
CA GLY A 196 -11.70 -0.54 -4.19
C GLY A 196 -10.28 -0.33 -3.71
N TYR A 197 -10.15 0.62 -2.78
CA TYR A 197 -8.86 1.01 -2.22
C TYR A 197 -8.95 1.01 -0.70
N VAL A 198 -7.90 0.52 -0.05
CA VAL A 198 -7.78 0.56 1.41
C VAL A 198 -6.56 1.39 1.76
N LEU A 199 -6.75 2.42 2.57
CA LEU A 199 -5.70 3.33 3.00
C LEU A 199 -5.46 3.11 4.48
N MET A 200 -4.32 2.53 4.83
CA MET A 200 -3.95 2.29 6.22
C MET A 200 -2.96 3.37 6.67
N GLY A 201 -3.41 4.21 7.61
CA GLY A 201 -2.61 5.32 8.10
C GLY A 201 -1.95 6.08 6.96
N PRO A 202 -2.76 6.56 6.01
CA PRO A 202 -2.20 7.17 4.80
C PRO A 202 -1.29 8.34 5.13
N PHE A 203 -0.11 8.35 4.51
CA PHE A 203 0.86 9.43 4.71
C PHE A 203 0.43 10.62 3.87
N PHE A 204 -0.52 11.39 4.42
CA PHE A 204 -0.91 12.68 3.87
C PHE A 204 -0.23 13.80 4.65
N GLY A 205 -0.03 14.94 3.98
CA GLY A 205 0.64 16.06 4.58
C GLY A 205 -0.07 17.37 4.29
N GLY A 206 0.43 18.42 4.94
CA GLY A 206 -0.12 19.76 4.79
C GLY A 206 0.70 20.79 5.53
N GLU A 207 0.80 22.00 4.99
CA GLU A 207 1.57 23.04 5.67
C GLU A 207 1.02 23.32 7.06
N GLU A 208 -0.28 23.55 7.15
CA GLU A 208 -0.93 23.71 8.43
C GLU A 208 -1.04 22.35 9.14
N ARG A 209 -0.97 22.40 10.48
CA ARG A 209 -1.04 21.20 11.29
C ARG A 209 -2.46 20.92 11.73
N THR A 210 -2.76 19.64 11.95
CA THR A 210 -4.02 19.23 12.57
C THR A 210 -3.84 19.17 14.08
N ASN A 211 -4.95 18.98 14.78
CA ASN A 211 -4.87 18.76 16.22
C ASN A 211 -3.98 17.57 16.54
N SER A 212 -4.28 16.40 15.94
CA SER A 212 -3.50 15.20 16.24
C SER A 212 -2.03 15.39 15.88
N GLU A 213 -1.75 16.08 14.77
CA GLU A 213 -0.36 16.32 14.41
C GLU A 213 0.35 17.14 15.47
N ASN A 214 -0.38 18.01 16.16
CA ASN A 214 0.18 18.83 17.22
C ASN A 214 0.25 18.10 18.56
N GLY A 215 -0.37 16.94 18.68
CA GLY A 215 -0.36 16.18 19.91
C GLY A 215 1.01 15.63 20.24
N PRO A 216 1.09 14.80 21.28
CA PRO A 216 2.38 14.20 21.63
C PRO A 216 2.82 13.18 20.60
N SER A 217 4.12 12.91 20.60
CA SER A 217 4.69 11.95 19.66
C SER A 217 4.17 10.54 19.97
N GLU A 218 4.33 9.66 18.99
CA GLU A 218 4.00 8.25 19.15
C GLU A 218 5.26 7.49 19.58
N ALA A 219 5.16 6.15 19.62
CA ALA A 219 6.32 5.35 20.01
C ALA A 219 7.48 5.54 19.04
N LEU A 220 7.17 5.66 17.74
CA LEU A 220 8.20 5.90 16.73
C LEU A 220 7.97 7.17 15.93
N LEU A 221 6.74 7.43 15.49
CA LEU A 221 6.46 8.58 14.66
C LEU A 221 6.39 9.86 15.49
N SER A 222 7.03 10.91 15.00
CA SER A 222 6.90 12.24 15.55
C SER A 222 6.68 13.22 14.40
N LEU A 223 6.07 14.37 14.73
CA LEU A 223 5.84 15.38 13.70
C LEU A 223 7.15 15.75 13.01
N ASP A 224 8.23 15.88 13.78
CA ASP A 224 9.54 16.20 13.18
C ASP A 224 9.94 15.16 12.16
N LEU A 225 9.74 13.87 12.46
CA LEU A 225 10.10 12.82 11.51
C LEU A 225 9.23 12.90 10.26
N LEU A 226 7.93 13.11 10.43
CA LEU A 226 7.03 13.23 9.28
C LEU A 226 7.46 14.39 8.40
N ASP A 227 7.61 15.60 8.97
CA ASP A 227 8.12 16.74 8.21
C ASP A 227 9.41 16.37 7.51
N LYS A 228 10.28 15.64 8.21
CA LYS A 228 11.55 15.21 7.64
C LYS A 228 11.35 14.34 6.40
N PHE A 229 10.38 13.43 6.46
CA PHE A 229 10.07 12.60 5.30
C PHE A 229 9.63 13.48 4.13
N TRP A 230 8.69 14.40 4.38
CA TRP A 230 8.12 15.20 3.31
C TRP A 230 9.20 16.00 2.60
N ARG A 231 10.10 16.61 3.36
CA ARG A 231 11.09 17.49 2.76
C ARG A 231 12.24 16.72 2.14
N LEU A 232 12.34 15.41 2.39
CA LEU A 232 13.27 14.55 1.65
C LEU A 232 12.65 13.95 0.40
N SER A 233 11.32 13.84 0.35
CA SER A 233 10.69 13.17 -0.77
C SER A 233 9.98 14.12 -1.74
N LEU A 234 9.50 15.26 -1.25
CA LEU A 234 8.92 16.25 -2.13
C LEU A 234 9.99 16.92 -2.98
N PRO A 235 9.62 17.43 -4.16
CA PRO A 235 10.60 18.15 -4.98
C PRO A 235 11.08 19.40 -4.25
N ASN A 236 12.36 19.71 -4.42
CA ASN A 236 12.95 20.87 -3.76
C ASN A 236 12.12 22.11 -4.03
N GLY A 237 11.93 22.92 -2.99
CA GLY A 237 11.15 24.13 -3.10
C GLY A 237 9.66 23.95 -2.94
N ALA A 238 9.18 22.71 -2.87
CA ALA A 238 7.77 22.44 -2.69
C ALA A 238 7.41 22.46 -1.21
N THR A 239 6.22 22.94 -0.90
CA THR A 239 5.71 22.89 0.46
C THR A 239 4.88 21.62 0.66
N ARG A 240 4.47 21.39 1.91
CA ARG A 240 3.65 20.23 2.22
C ARG A 240 2.23 20.36 1.66
N ASP A 241 1.88 21.50 1.09
CA ASP A 241 0.57 21.67 0.46
C ASP A 241 0.56 21.23 -0.99
N HIS A 242 1.71 20.87 -1.54
CA HIS A 242 1.77 20.21 -2.85
C HIS A 242 0.76 19.07 -2.91
N HIS A 243 0.16 18.88 -4.10
CA HIS A 243 -0.90 17.88 -4.24
C HIS A 243 -0.38 16.46 -4.04
N MET A 244 0.91 16.22 -4.24
CA MET A 244 1.48 14.91 -3.98
C MET A 244 1.43 14.54 -2.50
N ALA A 245 1.39 15.53 -1.61
CA ALA A 245 1.28 15.31 -0.17
C ALA A 245 -0.10 15.62 0.38
N ASN A 246 -0.71 16.72 -0.06
CA ASN A 246 -2.02 17.13 0.42
C ASN A 246 -3.05 16.80 -0.64
N PRO A 247 -3.97 15.86 -0.39
CA PRO A 247 -5.01 15.54 -1.37
C PRO A 247 -6.02 16.65 -1.59
N PHE A 248 -5.94 17.75 -0.84
CA PHE A 248 -6.86 18.88 -0.99
C PHE A 248 -6.10 20.19 -0.94
N GLY A 249 -4.96 20.25 -1.62
CA GLY A 249 -4.20 21.48 -1.73
C GLY A 249 -4.74 22.39 -2.80
N PRO A 250 -4.08 23.54 -2.96
CA PRO A 250 -4.59 24.54 -3.90
C PRO A 250 -4.65 24.04 -5.34
N THR A 251 -3.77 23.11 -5.71
CA THR A 251 -3.78 22.53 -7.05
C THR A 251 -4.25 21.10 -7.04
N SER A 252 -4.78 20.62 -5.93
CA SER A 252 -5.25 19.24 -5.85
C SER A 252 -6.44 19.06 -6.78
N PRO A 253 -6.44 18.03 -7.63
CA PRO A 253 -7.56 17.85 -8.56
C PRO A 253 -8.88 17.78 -7.82
N THR A 254 -9.84 18.58 -8.27
CA THR A 254 -11.18 18.58 -7.69
C THR A 254 -11.75 17.17 -7.70
N LEU A 255 -11.79 16.53 -6.53
CA LEU A 255 -12.30 15.16 -6.47
C LEU A 255 -13.80 15.08 -6.67
N GLU A 256 -14.51 16.22 -6.73
CA GLU A 256 -15.93 16.18 -7.02
C GLU A 256 -16.19 15.75 -8.46
N SER A 257 -15.36 16.21 -9.40
CA SER A 257 -15.53 15.82 -10.79
C SER A 257 -15.20 14.35 -10.99
N ILE A 258 -14.02 13.92 -10.56
CA ILE A 258 -13.62 12.53 -10.71
C ILE A 258 -14.50 11.65 -9.83
N SER A 259 -14.73 10.42 -10.30
CA SER A 259 -15.58 9.45 -9.59
C SER A 259 -14.67 8.43 -8.92
N LEU A 260 -14.47 8.60 -7.61
CA LEU A 260 -13.58 7.73 -6.86
C LEU A 260 -14.25 6.39 -6.56
N GLU A 261 -13.49 5.31 -6.69
CA GLU A 261 -13.99 4.00 -6.33
C GLU A 261 -14.24 3.95 -4.82
N PRO A 262 -14.88 2.89 -4.34
CA PRO A 262 -15.10 2.76 -2.89
C PRO A 262 -13.76 2.77 -2.15
N MET A 263 -13.68 3.63 -1.14
CA MET A 263 -12.47 3.82 -0.35
C MET A 263 -12.72 3.36 1.08
N LEU A 264 -11.70 2.74 1.67
CA LEU A 264 -11.72 2.31 3.06
C LEU A 264 -10.50 2.91 3.75
N VAL A 265 -10.73 3.76 4.74
CA VAL A 265 -9.67 4.44 5.46
C VAL A 265 -9.62 3.86 6.87
N ILE A 266 -8.45 3.35 7.27
CA ILE A 266 -8.23 2.73 8.56
C ILE A 266 -7.05 3.44 9.22
N VAL A 267 -7.25 3.91 10.45
CA VAL A 267 -6.20 4.63 11.19
C VAL A 267 -6.35 4.32 12.67
N GLY A 268 -5.27 4.53 13.41
CA GLY A 268 -5.29 4.36 14.86
C GLY A 268 -5.79 5.63 15.54
N GLY A 269 -6.57 5.43 16.61
CA GLY A 269 -7.09 6.58 17.35
C GLY A 269 -6.01 7.48 17.90
N SER A 270 -4.83 6.93 18.19
CA SER A 270 -3.72 7.69 18.74
C SER A 270 -2.66 8.01 17.70
N GLU A 271 -3.04 8.09 16.43
CA GLU A 271 -2.13 8.37 15.35
C GLU A 271 -2.00 9.87 15.13
N LEU A 272 -0.76 10.32 14.89
CA LEU A 272 -0.55 11.70 14.48
C LEU A 272 -1.37 12.03 13.24
N LEU A 273 -1.45 11.10 12.29
CA LEU A 273 -2.13 11.33 11.02
C LEU A 273 -3.63 11.10 11.08
N ARG A 274 -4.17 10.79 12.26
CA ARG A 274 -5.59 10.46 12.38
CA ARG A 274 -5.59 10.46 12.38
C ARG A 274 -6.47 11.60 11.86
N ASP A 275 -6.20 12.83 12.29
CA ASP A 275 -7.04 13.95 11.91
C ASP A 275 -7.01 14.17 10.40
N ARG A 276 -5.82 14.19 9.81
CA ARG A 276 -5.74 14.40 8.37
C ARG A 276 -6.47 13.29 7.62
N ALA A 277 -6.40 12.06 8.12
CA ALA A 277 -7.10 10.96 7.47
C ALA A 277 -8.61 11.09 7.64
N LYS A 278 -9.07 11.44 8.85
CA LYS A 278 -10.49 11.65 9.07
C LYS A 278 -11.02 12.80 8.21
N GLU A 279 -10.30 13.92 8.19
CA GLU A 279 -10.69 15.04 7.35
C GLU A 279 -10.78 14.61 5.89
N TYR A 280 -9.84 13.77 5.43
CA TYR A 280 -9.86 13.31 4.05
C TYR A 280 -11.11 12.50 3.76
N ALA A 281 -11.41 11.53 4.62
CA ALA A 281 -12.56 10.66 4.37
C ALA A 281 -13.87 11.44 4.38
N TYR A 282 -14.04 12.35 5.34
CA TYR A 282 -15.31 13.06 5.42
C TYR A 282 -15.43 14.08 4.29
N LYS A 283 -14.32 14.63 3.81
CA LYS A 283 -14.38 15.49 2.63
C LYS A 283 -14.83 14.72 1.40
N LEU A 284 -14.50 13.42 1.33
CA LEU A 284 -14.97 12.60 0.22
C LEU A 284 -16.45 12.25 0.36
N LYS A 285 -16.87 11.85 1.57
CA LYS A 285 -18.27 11.48 1.77
C LYS A 285 -19.20 12.62 1.39
N LYS A 286 -18.92 13.82 1.92
CA LYS A 286 -19.65 15.01 1.55
C LYS A 286 -19.14 15.55 0.21
N MET A 287 -19.28 14.70 -0.81
CA MET A 287 -18.86 15.06 -2.16
C MET A 287 -19.76 14.38 -3.19
N GLY A 288 -20.64 13.50 -2.71
CA GLY A 288 -21.65 12.89 -3.56
C GLY A 288 -21.20 11.61 -4.23
N GLY A 289 -22.03 10.58 -4.17
CA GLY A 289 -21.74 9.32 -4.84
C GLY A 289 -20.43 8.69 -4.47
N LYS A 290 -19.93 8.96 -3.25
CA LYS A 290 -18.64 8.44 -2.81
C LYS A 290 -18.87 7.49 -1.65
N ARG A 291 -18.66 6.20 -1.90
CA ARG A 291 -18.67 5.19 -0.84
C ARG A 291 -17.32 5.25 -0.14
N VAL A 292 -17.28 5.88 1.02
CA VAL A 292 -16.06 6.01 1.81
C VAL A 292 -16.38 5.60 3.24
N ASP A 293 -15.70 4.55 3.72
CA ASP A 293 -15.82 4.09 5.09
C ASP A 293 -14.57 4.49 5.86
N TYR A 294 -14.78 4.97 7.08
CA TYR A 294 -13.69 5.43 7.95
C TYR A 294 -13.76 4.62 9.24
N ILE A 295 -12.66 3.97 9.60
CA ILE A 295 -12.62 3.11 10.78
C ILE A 295 -11.42 3.51 11.63
N GLU A 296 -11.70 3.91 12.87
CA GLU A 296 -10.69 4.37 13.81
C GLU A 296 -10.57 3.35 14.93
N PHE A 297 -9.37 2.80 15.11
CA PHE A 297 -9.11 1.81 16.15
C PHE A 297 -8.60 2.54 17.38
N GLU A 298 -9.45 2.65 18.40
CA GLU A 298 -9.14 3.46 19.57
C GLU A 298 -7.82 3.04 20.22
N ASN A 299 -7.06 4.02 20.69
CA ASN A 299 -5.87 3.82 21.51
C ASN A 299 -4.73 3.13 20.77
N LYS A 300 -4.81 3.05 19.44
CA LYS A 300 -3.75 2.43 18.65
C LYS A 300 -2.95 3.52 17.94
N GLU A 301 -1.65 3.30 17.85
CA GLU A 301 -0.75 4.22 17.15
C GLU A 301 -0.56 3.74 15.71
N HIS A 302 0.41 4.33 15.01
CA HIS A 302 0.56 4.07 13.59
C HIS A 302 1.09 2.67 13.34
N GLY A 303 0.57 2.03 12.28
CA GLY A 303 1.08 0.75 11.85
C GLY A 303 0.81 -0.41 12.78
N PHE A 304 -0.19 -0.28 13.66
CA PHE A 304 -0.46 -1.36 14.61
C PHE A 304 -0.75 -2.67 13.90
N TYR A 305 -1.42 -2.62 12.75
CA TYR A 305 -1.80 -3.84 12.05
C TYR A 305 -0.59 -4.65 11.63
N SER A 306 0.51 -3.99 11.29
CA SER A 306 1.72 -4.67 10.86
C SER A 306 2.79 -4.73 11.94
N ASN A 307 2.84 -3.76 12.84
CA ASN A 307 3.81 -3.83 13.93
C ASN A 307 3.51 -4.97 14.88
N TYR A 308 2.24 -5.34 15.03
CA TYR A 308 1.81 -6.35 15.99
C TYR A 308 0.90 -7.35 15.31
N PRO A 309 1.45 -8.20 14.46
CA PRO A 309 0.63 -9.25 13.84
C PRO A 309 0.22 -10.30 14.86
N SER A 310 -0.93 -10.91 14.61
CA SER A 310 -1.53 -11.88 15.52
C SER A 310 -2.13 -11.20 16.74
N SER A 311 -1.93 -9.89 16.87
CA SER A 311 -2.65 -9.15 17.88
C SER A 311 -4.11 -8.98 17.45
N GLU A 312 -4.98 -8.77 18.44
CA GLU A 312 -6.41 -8.71 18.17
C GLU A 312 -6.74 -7.61 17.16
N ALA A 313 -6.13 -6.43 17.32
CA ALA A 313 -6.43 -5.33 16.41
C ALA A 313 -6.00 -5.66 14.98
N ALA A 314 -4.83 -6.28 14.82
CA ALA A 314 -4.38 -6.65 13.48
C ALA A 314 -5.36 -7.61 12.82
N GLU A 315 -5.84 -8.62 13.57
CA GLU A 315 -6.78 -9.58 13.00
C GLU A 315 -8.09 -8.90 12.59
N GLN A 316 -8.53 -7.90 13.35
CA GLN A 316 -9.76 -7.21 12.99
C GLN A 316 -9.60 -6.42 11.70
N VAL A 317 -8.44 -5.79 11.51
CA VAL A 317 -8.17 -5.10 10.26
C VAL A 317 -8.26 -6.09 9.09
N LEU A 318 -7.64 -7.26 9.24
CA LEU A 318 -7.74 -8.30 8.21
C LEU A 318 -9.20 -8.65 7.91
N ARG A 319 -9.99 -8.88 8.96
CA ARG A 319 -11.40 -9.21 8.75
C ARG A 319 -12.12 -8.08 8.03
N ILE A 320 -11.88 -6.83 8.44
CA ILE A 320 -12.59 -5.70 7.86
C ILE A 320 -12.24 -5.55 6.39
N ILE A 321 -10.96 -5.75 6.03
CA ILE A 321 -10.56 -5.66 4.64
C ILE A 321 -11.24 -6.76 3.83
N GLY A 322 -11.32 -7.97 4.39
CA GLY A 322 -11.97 -9.06 3.69
C GLY A 322 -13.46 -8.83 3.47
N ASP A 323 -14.16 -8.37 4.52
CA ASP A 323 -15.56 -8.01 4.37
C ASP A 323 -15.73 -6.88 3.35
N PHE A 324 -14.79 -5.94 3.33
CA PHE A 324 -14.79 -4.89 2.32
C PHE A 324 -14.69 -5.48 0.92
N MET A 325 -13.78 -6.45 0.72
CA MET A 325 -13.64 -7.08 -0.59
C MET A 325 -14.89 -7.88 -0.95
N ASN A 326 -15.46 -8.62 0.01
CA ASN A 326 -16.64 -9.43 -0.27
C ASN A 326 -17.82 -8.55 -0.69
N ASN A 327 -18.02 -7.43 -0.02
CA ASN A 327 -19.12 -6.53 -0.35
C ASN A 327 -19.00 -5.94 -1.75
N LEU A 328 -17.79 -5.91 -2.31
CA LEU A 328 -17.55 -5.33 -3.63
C LEU A 328 -17.29 -6.36 -4.71
N SER A 329 -17.38 -7.65 -4.40
CA SER A 329 -17.06 -8.70 -5.35
C SER A 329 -18.33 -9.39 -5.86
#